data_3F82
#
_entry.id   3F82
#
_cell.length_a   42.670
_cell.length_b   46.883
_cell.length_c   157.650
_cell.angle_alpha   90.00
_cell.angle_beta   90.00
_cell.angle_gamma   90.00
#
_symmetry.space_group_name_H-M   'P 21 21 21'
#
loop_
_entity.id
_entity.type
_entity.pdbx_description
1 polymer 'hepatocyte growth factor receptor'
2 non-polymer N-{4-[(2-amino-3-chloropyridin-4-yl)oxy]-3-fluorophenyl}-4-ethoxy-1-(4-fluorophenyl)-2-oxo-1,2-dihydropyridine-3-carboxamide
3 water water
#
_entity_poly.entity_id   1
_entity_poly.type   'polypeptide(L)'
_entity_poly.pdbx_seq_one_letter_code
;GANTVHIDLSALNPELVQAVQHVVIGPSSLIVHFNEVIGRGHFGCVYHGTLLDNDGKKIHCAVKSLNRITDIGEVSQFLT
EGIIMKDFSHPNVLSLLGICLRSEGSPLVVLPYMKHGDLRNFIRNETHNPTVKDLIGFGLQVAKGMKFLASKKFVHRDLA
ARNCMLDEKFTVKVADFGLARDMYDKEFDSVHNKTGAKLPVKWMALESLQTQKFTTKSDVWSFGVLLWELMTRGAPPYPD
VNTFDITVYLLQGRRLLQPEYCPDPLYEVMLKCWHPKAEMRPSFSELVSRISAIFSTFIGEHYVHVNATYVNVK
;
_entity_poly.pdbx_strand_id   A
#
loop_
_chem_comp.id
_chem_comp.type
_chem_comp.name
_chem_comp.formula
353 non-polymer N-{4-[(2-amino-3-chloropyridin-4-yl)oxy]-3-fluorophenyl}-4-ethoxy-1-(4-fluorophenyl)-2-oxo-1,2-dihydropyridine-3-carboxamide 'C25 H19 Cl F2 N4 O4'
#
# COMPACT_ATOMS: atom_id res chain seq x y z
N LEU A 9 -4.45 -24.70 -16.46
CA LEU A 9 -5.09 -26.00 -16.25
C LEU A 9 -6.47 -26.06 -16.90
N SER A 10 -7.01 -24.90 -17.26
CA SER A 10 -8.31 -24.83 -17.90
C SER A 10 -9.40 -25.37 -16.95
N ALA A 11 -9.10 -26.50 -16.32
CA ALA A 11 -10.01 -27.12 -15.35
C ALA A 11 -10.07 -26.25 -14.09
N LEU A 12 -9.82 -24.96 -14.27
CA LEU A 12 -9.82 -24.00 -13.18
C LEU A 12 -11.23 -23.43 -13.06
N ASN A 13 -11.68 -22.77 -14.12
CA ASN A 13 -13.01 -22.14 -14.14
C ASN A 13 -13.11 -21.23 -15.35
N PRO A 14 -13.78 -21.71 -16.42
CA PRO A 14 -14.05 -21.10 -17.72
C PRO A 14 -14.14 -19.58 -17.67
N GLU A 15 -14.96 -19.06 -16.77
CA GLU A 15 -15.15 -17.62 -16.61
C GLU A 15 -13.84 -16.89 -16.31
N LEU A 16 -13.05 -17.46 -15.41
CA LEU A 16 -11.78 -16.86 -15.02
C LEU A 16 -10.75 -17.01 -16.13
N VAL A 17 -10.71 -18.18 -16.73
CA VAL A 17 -9.78 -18.47 -17.82
C VAL A 17 -9.98 -17.56 -19.02
N GLN A 18 -11.21 -17.09 -19.21
CA GLN A 18 -11.52 -16.19 -20.31
C GLN A 18 -11.16 -14.75 -19.97
N ALA A 19 -11.34 -14.38 -18.70
CA ALA A 19 -11.02 -13.04 -18.24
C ALA A 19 -9.52 -12.83 -18.23
N VAL A 20 -8.79 -13.88 -17.90
CA VAL A 20 -7.33 -13.84 -17.86
C VAL A 20 -6.78 -13.83 -19.26
N GLN A 21 -7.65 -14.15 -20.22
CA GLN A 21 -7.25 -14.21 -21.62
C GLN A 21 -6.98 -12.84 -22.22
N HIS A 22 -7.85 -11.88 -21.90
CA HIS A 22 -7.74 -10.52 -22.43
C HIS A 22 -6.59 -9.73 -21.81
N VAL A 23 -5.76 -10.39 -21.01
CA VAL A 23 -4.61 -9.73 -20.39
C VAL A 23 -3.42 -10.69 -20.34
N VAL A 24 -3.51 -11.76 -21.13
CA VAL A 24 -2.47 -12.76 -21.19
C VAL A 24 -1.21 -12.27 -21.88
N ILE A 25 -0.06 -12.62 -21.30
CA ILE A 25 1.24 -12.29 -21.84
C ILE A 25 1.84 -13.58 -22.37
N GLY A 26 2.07 -13.66 -23.68
CA GLY A 26 2.68 -14.83 -24.28
C GLY A 26 4.05 -15.08 -23.65
N PRO A 27 4.24 -16.29 -23.08
CA PRO A 27 5.47 -16.73 -22.39
C PRO A 27 6.75 -16.43 -23.16
N SER A 28 6.59 -16.17 -24.46
CA SER A 28 7.73 -15.89 -25.32
C SER A 28 7.99 -14.39 -25.47
N SER A 29 7.02 -13.57 -25.09
CA SER A 29 7.15 -12.12 -25.17
C SER A 29 7.63 -11.48 -23.86
N LEU A 30 7.96 -12.32 -22.88
CA LEU A 30 8.46 -11.84 -21.60
C LEU A 30 9.60 -12.70 -21.08
N ILE A 31 10.72 -12.06 -20.74
CA ILE A 31 11.88 -12.75 -20.19
C ILE A 31 11.93 -12.44 -18.69
N VAL A 32 12.01 -13.48 -17.87
CA VAL A 32 12.13 -13.32 -16.42
C VAL A 32 13.58 -13.56 -16.02
N HIS A 33 14.16 -12.58 -15.33
CA HIS A 33 15.53 -12.68 -14.86
C HIS A 33 15.50 -13.23 -13.44
N PHE A 34 15.31 -14.54 -13.33
CA PHE A 34 15.22 -15.23 -12.05
C PHE A 34 16.48 -15.03 -11.21
N ASN A 35 17.54 -14.54 -11.86
CA ASN A 35 18.80 -14.28 -11.19
C ASN A 35 18.69 -12.98 -10.37
N GLU A 36 18.06 -11.97 -10.97
CA GLU A 36 17.87 -10.68 -10.34
C GLU A 36 16.59 -10.61 -9.51
N VAL A 37 16.71 -10.96 -8.23
CA VAL A 37 15.54 -10.94 -7.35
C VAL A 37 15.25 -9.53 -6.79
N ILE A 38 13.97 -9.24 -6.64
CA ILE A 38 13.50 -7.96 -6.11
C ILE A 38 12.84 -8.23 -4.76
N GLY A 39 11.64 -8.80 -4.80
CA GLY A 39 10.85 -9.10 -3.62
C GLY A 39 11.30 -10.33 -2.84
N ARG A 40 10.55 -11.42 -2.98
CA ARG A 40 10.84 -12.65 -2.26
C ARG A 40 10.40 -12.59 -0.79
N GLY A 41 9.35 -13.33 -0.46
CA GLY A 41 8.83 -13.35 0.90
C GLY A 41 7.86 -14.50 1.12
N HIS A 42 7.07 -14.39 2.18
CA HIS A 42 6.10 -15.43 2.51
C HIS A 42 5.16 -15.65 1.33
N PHE A 43 5.14 -16.89 0.84
CA PHE A 43 4.35 -17.29 -0.33
C PHE A 43 5.10 -17.01 -1.64
N GLY A 44 4.65 -15.98 -2.37
CA GLY A 44 5.23 -15.60 -3.64
C GLY A 44 6.59 -14.91 -3.63
N CYS A 45 7.07 -14.56 -4.81
CA CYS A 45 8.36 -13.88 -4.97
C CYS A 45 8.38 -12.89 -6.15
N VAL A 46 9.30 -11.93 -6.09
CA VAL A 46 9.41 -10.90 -7.13
C VAL A 46 10.77 -10.87 -7.82
N TYR A 47 10.75 -10.75 -9.14
CA TYR A 47 11.96 -10.72 -9.95
C TYR A 47 11.94 -9.59 -10.97
N HIS A 48 13.11 -9.24 -11.48
CA HIS A 48 13.20 -8.26 -12.55
C HIS A 48 12.79 -8.97 -13.83
N GLY A 49 12.37 -8.22 -14.84
CA GLY A 49 11.95 -8.84 -16.07
C GLY A 49 11.86 -7.86 -17.21
N THR A 50 11.89 -8.38 -18.44
CA THR A 50 11.79 -7.55 -19.62
C THR A 50 10.54 -7.94 -20.40
N LEU A 51 9.85 -6.93 -20.89
CA LEU A 51 8.63 -7.14 -21.67
C LEU A 51 8.83 -6.48 -23.02
N LEU A 52 8.20 -7.06 -24.05
CA LEU A 52 8.30 -6.51 -25.41
C LEU A 52 6.92 -6.04 -25.84
N LYS A 58 11.00 -3.35 -25.36
CA LYS A 58 11.75 -3.88 -24.22
C LYS A 58 11.53 -3.03 -22.97
N ILE A 59 10.38 -3.22 -22.32
CA ILE A 59 10.05 -2.45 -21.13
C ILE A 59 10.46 -3.15 -19.84
N HIS A 60 11.04 -2.40 -18.91
CA HIS A 60 11.48 -2.96 -17.63
C HIS A 60 10.27 -3.27 -16.75
N CYS A 61 10.25 -4.44 -16.13
CA CYS A 61 9.11 -4.79 -15.31
C CYS A 61 9.42 -5.60 -14.07
N ALA A 62 8.38 -5.86 -13.28
CA ALA A 62 8.50 -6.66 -12.07
C ALA A 62 7.62 -7.88 -12.29
N VAL A 63 8.13 -9.05 -11.92
CA VAL A 63 7.42 -10.29 -12.13
C VAL A 63 7.15 -11.02 -10.82
N LYS A 64 5.87 -11.04 -10.42
CA LYS A 64 5.44 -11.72 -9.20
C LYS A 64 5.04 -13.16 -9.47
N SER A 65 5.52 -14.06 -8.62
CA SER A 65 5.23 -15.48 -8.77
C SER A 65 4.72 -16.08 -7.47
N LEU A 66 4.08 -17.23 -7.58
CA LEU A 66 3.58 -17.97 -6.42
C LEU A 66 4.62 -19.07 -6.15
N ASN A 67 5.16 -19.12 -4.95
CA ASN A 67 6.16 -20.15 -4.64
C ASN A 67 5.47 -21.50 -4.34
N ARG A 68 4.15 -21.46 -4.18
CA ARG A 68 3.35 -22.65 -3.90
C ARG A 68 3.68 -23.82 -4.80
N GLY A 73 -6.67 -23.97 -6.48
CA GLY A 73 -7.27 -23.36 -5.31
C GLY A 73 -6.58 -22.06 -4.92
N GLU A 74 -5.25 -22.14 -4.78
CA GLU A 74 -4.44 -20.98 -4.44
C GLU A 74 -4.10 -20.23 -5.73
N VAL A 75 -3.94 -20.99 -6.80
CA VAL A 75 -3.66 -20.46 -8.14
C VAL A 75 -4.85 -19.64 -8.60
N SER A 76 -6.03 -20.08 -8.19
CA SER A 76 -7.27 -19.42 -8.58
C SER A 76 -7.41 -18.04 -7.93
N GLN A 77 -7.08 -17.96 -6.64
CA GLN A 77 -7.16 -16.69 -5.94
C GLN A 77 -6.12 -15.75 -6.54
N PHE A 78 -4.96 -16.29 -6.87
CA PHE A 78 -3.87 -15.54 -7.48
C PHE A 78 -4.36 -14.86 -8.77
N LEU A 79 -4.83 -15.67 -9.72
CA LEU A 79 -5.35 -15.16 -10.99
C LEU A 79 -6.53 -14.22 -10.78
N THR A 80 -7.33 -14.51 -9.76
CA THR A 80 -8.51 -13.71 -9.46
C THR A 80 -8.17 -12.31 -8.96
N GLU A 81 -7.18 -12.23 -8.07
CA GLU A 81 -6.71 -10.96 -7.52
C GLU A 81 -6.12 -10.12 -8.64
N GLY A 82 -5.56 -10.82 -9.64
CA GLY A 82 -4.94 -10.20 -10.80
C GLY A 82 -5.94 -9.55 -11.72
N ILE A 83 -7.02 -10.26 -12.04
CA ILE A 83 -8.05 -9.72 -12.91
C ILE A 83 -8.67 -8.43 -12.40
N ILE A 84 -8.89 -8.35 -11.09
CA ILE A 84 -9.45 -7.12 -10.50
C ILE A 84 -8.58 -5.89 -10.77
N MET A 85 -7.27 -6.09 -10.77
CA MET A 85 -6.30 -5.01 -11.04
C MET A 85 -6.50 -4.43 -12.43
N LYS A 86 -7.10 -5.21 -13.32
CA LYS A 86 -7.29 -4.80 -14.71
C LYS A 86 -8.12 -3.52 -14.86
N ASP A 87 -8.97 -3.25 -13.89
CA ASP A 87 -9.81 -2.05 -13.92
C ASP A 87 -9.23 -0.91 -13.08
N PHE A 88 -8.05 -1.12 -12.53
CA PHE A 88 -7.40 -0.09 -11.72
C PHE A 88 -6.61 0.82 -12.64
N SER A 89 -7.26 1.88 -13.09
CA SER A 89 -6.64 2.86 -13.96
C SER A 89 -6.63 4.23 -13.29
N HIS A 90 -5.56 4.50 -12.58
CA HIS A 90 -5.40 5.76 -11.86
C HIS A 90 -3.91 5.98 -11.60
N PRO A 91 -3.44 7.22 -11.73
CA PRO A 91 -2.01 7.49 -11.52
C PRO A 91 -1.48 7.09 -10.15
N ASN A 92 -2.37 6.98 -9.17
CA ASN A 92 -1.95 6.64 -7.81
C ASN A 92 -2.29 5.25 -7.36
N VAL A 93 -2.58 4.38 -8.32
CA VAL A 93 -2.89 2.98 -8.04
C VAL A 93 -2.01 2.13 -8.96
N LEU A 94 -1.37 1.10 -8.40
CA LEU A 94 -0.51 0.26 -9.23
C LEU A 94 -1.27 -0.50 -10.30
N SER A 95 -0.75 -0.42 -11.51
CA SER A 95 -1.32 -1.05 -12.70
C SER A 95 -0.82 -2.47 -12.92
N LEU A 96 -1.53 -3.18 -13.79
CA LEU A 96 -1.16 -4.53 -14.18
C LEU A 96 -0.77 -4.51 -15.66
N LEU A 97 0.40 -5.05 -15.98
CA LEU A 97 0.85 -5.12 -17.37
C LEU A 97 0.16 -6.34 -18.01
N GLY A 98 0.12 -7.44 -17.26
CA GLY A 98 -0.53 -8.66 -17.70
C GLY A 98 -0.17 -9.85 -16.84
N ILE A 99 -0.85 -10.96 -17.06
CA ILE A 99 -0.55 -12.19 -16.34
C ILE A 99 -0.04 -13.23 -17.31
N CYS A 100 1.17 -13.73 -17.05
CA CYS A 100 1.78 -14.70 -17.94
C CYS A 100 1.54 -16.14 -17.48
N LEU A 101 0.93 -16.93 -18.36
CA LEU A 101 0.63 -18.33 -18.08
C LEU A 101 1.79 -19.25 -18.49
N ARG A 102 2.75 -19.42 -17.58
CA ARG A 102 3.92 -20.24 -17.81
C ARG A 102 3.55 -21.73 -17.82
N SER A 103 3.93 -22.43 -18.88
CA SER A 103 3.61 -23.85 -19.02
C SER A 103 4.63 -24.70 -18.27
N GLU A 104 5.39 -24.07 -17.38
CA GLU A 104 6.41 -24.78 -16.62
C GLU A 104 6.23 -24.64 -15.11
N GLY A 105 5.60 -23.55 -14.68
CA GLY A 105 5.40 -23.31 -13.26
C GLY A 105 4.13 -22.57 -12.90
N SER A 106 4.22 -21.71 -11.88
CA SER A 106 3.08 -20.93 -11.39
C SER A 106 2.79 -19.77 -12.34
N PRO A 107 1.51 -19.37 -12.46
CA PRO A 107 1.31 -18.24 -13.35
C PRO A 107 2.02 -17.02 -12.77
N LEU A 108 2.36 -16.07 -13.62
CA LEU A 108 3.07 -14.89 -13.16
C LEU A 108 2.25 -13.62 -13.35
N VAL A 109 2.44 -12.69 -12.44
CA VAL A 109 1.79 -11.40 -12.52
C VAL A 109 2.87 -10.41 -12.93
N VAL A 110 2.59 -9.64 -13.97
CA VAL A 110 3.57 -8.68 -14.52
C VAL A 110 3.20 -7.23 -14.21
N LEU A 111 4.10 -6.54 -13.52
CA LEU A 111 3.83 -5.16 -13.15
C LEU A 111 4.85 -4.13 -13.64
N PRO A 112 4.41 -2.88 -13.83
CA PRO A 112 5.43 -1.89 -14.21
C PRO A 112 6.51 -1.78 -13.12
N TYR A 113 7.74 -1.53 -13.53
CA TYR A 113 8.85 -1.40 -12.59
C TYR A 113 8.80 -0.10 -11.82
N MET A 114 8.98 -0.19 -10.51
CA MET A 114 8.95 0.97 -9.63
C MET A 114 10.35 1.24 -9.13
N LYS A 115 11.01 2.19 -9.79
CA LYS A 115 12.40 2.52 -9.51
C LYS A 115 12.71 2.74 -8.04
N HIS A 116 11.76 3.27 -7.29
CA HIS A 116 12.05 3.60 -5.90
C HIS A 116 11.53 2.61 -4.83
N GLY A 117 11.03 1.47 -5.26
CA GLY A 117 10.52 0.45 -4.36
C GLY A 117 9.37 0.92 -3.51
N ASP A 118 9.19 0.30 -2.35
CA ASP A 118 8.10 0.63 -1.45
C ASP A 118 8.34 1.94 -0.76
N LEU A 119 7.27 2.57 -0.31
CA LEU A 119 7.31 3.89 0.31
C LEU A 119 7.94 3.90 1.70
N ARG A 120 7.70 2.87 2.50
CA ARG A 120 8.28 2.78 3.84
C ARG A 120 9.83 2.70 3.83
N ASN A 121 10.39 1.82 3.00
CA ASN A 121 11.85 1.72 2.89
C ASN A 121 12.43 3.02 2.33
N PHE A 122 11.74 3.63 1.38
CA PHE A 122 12.19 4.90 0.81
C PHE A 122 12.31 6.03 1.83
N ILE A 123 11.26 6.24 2.63
CA ILE A 123 11.29 7.31 3.64
C ILE A 123 12.22 6.99 4.80
N ARG A 124 12.45 5.71 5.05
CA ARG A 124 13.32 5.29 6.15
C ARG A 124 14.79 5.54 5.82
N ASN A 125 15.11 5.62 4.54
CA ASN A 125 16.48 5.86 4.10
C ASN A 125 17.09 7.16 4.62
N GLU A 126 18.20 7.02 5.33
CA GLU A 126 18.91 8.17 5.87
C GLU A 126 19.52 9.07 4.79
N THR A 127 19.80 8.50 3.61
CA THR A 127 20.37 9.26 2.49
C THR A 127 19.30 10.14 1.81
N HIS A 128 18.05 9.98 2.20
CA HIS A 128 16.97 10.78 1.65
C HIS A 128 16.69 11.96 2.56
N ASN A 129 16.32 13.08 1.96
CA ASN A 129 16.08 14.30 2.71
C ASN A 129 14.72 14.95 2.42
N PRO A 130 13.64 14.28 2.83
CA PRO A 130 12.25 14.72 2.71
C PRO A 130 11.94 15.92 3.59
N THR A 131 10.99 16.73 3.13
CA THR A 131 10.55 17.87 3.87
C THR A 131 9.14 17.52 4.34
N VAL A 132 8.53 18.37 5.17
CA VAL A 132 7.17 18.14 5.63
C VAL A 132 6.27 18.05 4.39
N LYS A 133 6.51 18.95 3.45
CA LYS A 133 5.76 19.03 2.20
C LYS A 133 5.80 17.77 1.35
N ASP A 134 6.99 17.20 1.20
CA ASP A 134 7.17 15.95 0.41
C ASP A 134 6.36 14.85 1.02
N LEU A 135 6.49 14.69 2.33
CA LEU A 135 5.82 13.60 3.02
C LEU A 135 4.29 13.77 3.00
N ILE A 136 3.83 15.00 3.17
CA ILE A 136 2.40 15.30 3.13
C ILE A 136 1.89 15.02 1.72
N GLY A 137 2.74 15.36 0.74
CA GLY A 137 2.46 15.11 -0.65
C GLY A 137 2.26 13.64 -0.90
N PHE A 138 3.13 12.79 -0.36
CA PHE A 138 2.96 11.34 -0.52
C PHE A 138 1.59 10.89 0.00
N GLY A 139 1.20 11.38 1.17
CA GLY A 139 -0.07 11.05 1.81
C GLY A 139 -1.21 11.51 0.93
N LEU A 140 -1.06 12.70 0.35
CA LEU A 140 -2.03 13.27 -0.58
C LEU A 140 -2.27 12.32 -1.75
N GLN A 141 -1.18 11.79 -2.31
CA GLN A 141 -1.29 10.83 -3.42
C GLN A 141 -1.94 9.51 -3.04
N VAL A 142 -1.68 9.03 -1.83
CA VAL A 142 -2.28 7.79 -1.38
C VAL A 142 -3.80 8.00 -1.26
N ALA A 143 -4.16 9.14 -0.69
CA ALA A 143 -5.55 9.50 -0.51
C ALA A 143 -6.27 9.57 -1.87
N LYS A 144 -5.59 10.07 -2.89
CA LYS A 144 -6.19 10.17 -4.23
C LYS A 144 -6.45 8.79 -4.80
N GLY A 145 -5.52 7.88 -4.55
CA GLY A 145 -5.60 6.50 -5.00
C GLY A 145 -6.74 5.81 -4.26
N MET A 146 -6.84 6.06 -2.96
CA MET A 146 -7.89 5.46 -2.15
C MET A 146 -9.27 5.99 -2.55
N LYS A 147 -9.31 7.25 -2.91
CA LYS A 147 -10.56 7.88 -3.34
C LYS A 147 -11.05 7.22 -4.62
N PHE A 148 -10.13 6.91 -5.52
CA PHE A 148 -10.49 6.21 -6.75
C PHE A 148 -11.00 4.80 -6.42
N LEU A 149 -10.23 4.07 -5.63
CA LEU A 149 -10.55 2.69 -5.22
C LEU A 149 -11.87 2.60 -4.49
N ALA A 150 -12.15 3.58 -3.63
CA ALA A 150 -13.40 3.59 -2.88
C ALA A 150 -14.59 3.81 -3.81
N SER A 151 -14.36 4.52 -4.91
CA SER A 151 -15.40 4.84 -5.88
C SER A 151 -15.78 3.63 -6.71
N LYS A 152 -14.88 2.64 -6.75
CA LYS A 152 -15.09 1.39 -7.44
C LYS A 152 -15.56 0.34 -6.44
N LYS A 153 -15.86 0.78 -5.22
CA LYS A 153 -16.31 -0.13 -4.18
C LYS A 153 -15.24 -1.17 -3.83
N PHE A 154 -13.97 -0.81 -3.98
CA PHE A 154 -12.89 -1.73 -3.65
C PHE A 154 -12.26 -1.45 -2.27
N VAL A 155 -12.39 -2.41 -1.35
CA VAL A 155 -11.83 -2.34 0.01
C VAL A 155 -10.45 -2.96 -0.02
N HIS A 156 -9.43 -2.20 0.41
CA HIS A 156 -8.05 -2.64 0.34
C HIS A 156 -7.71 -3.72 1.35
N ARG A 157 -8.01 -3.46 2.62
CA ARG A 157 -7.78 -4.40 3.72
C ARG A 157 -6.36 -4.43 4.30
N ASP A 158 -5.37 -3.93 3.55
CA ASP A 158 -4.00 -3.89 4.03
C ASP A 158 -3.24 -2.66 3.57
N LEU A 159 -3.87 -1.51 3.76
CA LEU A 159 -3.30 -0.24 3.42
C LEU A 159 -2.21 0.10 4.45
N ALA A 160 -0.98 0.29 3.99
CA ALA A 160 0.17 0.61 4.83
C ALA A 160 1.25 1.15 3.89
N ALA A 161 2.23 1.87 4.43
CA ALA A 161 3.32 2.42 3.59
C ALA A 161 4.20 1.36 2.90
N ARG A 162 4.27 0.16 3.47
CA ARG A 162 5.03 -0.96 2.90
C ARG A 162 4.35 -1.54 1.66
N ASN A 163 3.11 -1.12 1.42
CA ASN A 163 2.34 -1.64 0.28
C ASN A 163 2.12 -0.53 -0.73
N CYS A 164 2.80 0.59 -0.55
CA CYS A 164 2.69 1.69 -1.51
C CYS A 164 4.02 1.77 -2.24
N MET A 165 3.95 1.79 -3.57
CA MET A 165 5.15 1.85 -4.40
C MET A 165 5.53 3.28 -4.79
N LEU A 166 6.77 3.45 -5.21
CA LEU A 166 7.27 4.74 -5.60
C LEU A 166 8.06 4.70 -6.92
N ASP A 167 7.52 5.30 -7.98
CA ASP A 167 8.21 5.33 -9.29
C ASP A 167 9.27 6.43 -9.46
N GLU A 168 9.84 6.49 -10.67
CA GLU A 168 10.90 7.44 -10.97
C GLU A 168 10.59 8.94 -10.95
N LYS A 169 9.31 9.30 -10.92
CA LYS A 169 8.89 10.70 -10.83
C LYS A 169 8.34 10.95 -9.44
N PHE A 170 8.53 10.00 -8.54
CA PHE A 170 8.07 10.13 -7.17
C PHE A 170 6.55 10.19 -7.09
N THR A 171 5.93 9.40 -7.94
CA THR A 171 4.49 9.23 -7.98
C THR A 171 4.25 7.96 -7.14
N VAL A 172 3.34 8.07 -6.17
CA VAL A 172 3.01 6.97 -5.27
C VAL A 172 1.92 6.12 -5.90
N LYS A 173 2.10 4.81 -5.83
CA LYS A 173 1.13 3.84 -6.35
C LYS A 173 0.69 2.92 -5.22
N VAL A 174 -0.59 2.99 -4.87
CA VAL A 174 -1.14 2.11 -3.84
C VAL A 174 -1.12 0.71 -4.42
N ALA A 175 -0.67 -0.24 -3.63
CA ALA A 175 -0.57 -1.62 -4.09
C ALA A 175 -0.79 -2.58 -2.92
N ASP A 176 -0.52 -3.86 -3.15
CA ASP A 176 -0.64 -4.88 -2.11
C ASP A 176 0.31 -6.04 -2.43
N PHE A 177 1.44 -6.10 -1.74
CA PHE A 177 2.40 -7.18 -1.97
C PHE A 177 1.82 -8.58 -1.79
N GLY A 178 1.02 -8.77 -0.76
CA GLY A 178 0.41 -10.06 -0.45
C GLY A 178 1.41 -11.20 -0.52
N LYS A 198 -2.48 -13.85 10.61
CA LYS A 198 -1.38 -12.97 10.18
C LYS A 198 -1.88 -11.57 9.80
N LEU A 199 -2.86 -11.07 10.54
CA LEU A 199 -3.43 -9.74 10.26
C LEU A 199 -2.52 -8.60 10.68
N PRO A 200 -2.56 -7.49 9.92
CA PRO A 200 -1.80 -6.27 10.23
C PRO A 200 -2.60 -5.50 11.26
N VAL A 201 -2.71 -6.08 12.45
CA VAL A 201 -3.52 -5.51 13.52
C VAL A 201 -3.24 -4.06 13.88
N LYS A 202 -2.00 -3.65 13.72
CA LYS A 202 -1.59 -2.29 14.04
C LYS A 202 -2.12 -1.22 13.08
N TRP A 203 -2.67 -1.64 11.94
CA TRP A 203 -3.28 -0.72 10.98
C TRP A 203 -4.78 -0.90 10.95
N MET A 204 -5.28 -1.83 11.75
CA MET A 204 -6.70 -2.17 11.71
C MET A 204 -7.58 -1.35 12.63
N ALA A 205 -8.77 -1.05 12.12
CA ALA A 205 -9.75 -0.27 12.88
C ALA A 205 -10.29 -1.12 14.03
N LEU A 206 -10.79 -0.45 15.06
CA LEU A 206 -11.34 -1.17 16.21
C LEU A 206 -12.37 -2.23 15.82
N GLU A 207 -13.40 -1.82 15.09
CA GLU A 207 -14.45 -2.74 14.65
C GLU A 207 -13.95 -3.93 13.85
N SER A 208 -12.90 -3.74 13.07
CA SER A 208 -12.33 -4.83 12.26
C SER A 208 -11.56 -5.83 13.13
N LEU A 209 -10.87 -5.34 14.16
CA LEU A 209 -10.13 -6.21 15.06
C LEU A 209 -11.13 -7.05 15.86
N GLN A 210 -12.28 -6.44 16.13
CA GLN A 210 -13.34 -7.08 16.90
C GLN A 210 -14.26 -7.98 16.09
N THR A 211 -14.39 -7.68 14.80
CA THR A 211 -15.33 -8.36 13.92
C THR A 211 -14.70 -9.16 12.77
N GLN A 212 -13.53 -8.72 12.31
CA GLN A 212 -12.85 -9.34 11.17
C GLN A 212 -13.53 -8.90 9.87
N LYS A 213 -14.40 -7.91 9.98
CA LYS A 213 -15.07 -7.35 8.80
C LYS A 213 -14.36 -6.07 8.35
N PHE A 214 -14.21 -5.91 7.04
CA PHE A 214 -13.52 -4.74 6.50
C PHE A 214 -14.40 -3.92 5.59
N THR A 215 -14.28 -2.60 5.70
CA THR A 215 -15.07 -1.69 4.88
C THR A 215 -14.17 -0.55 4.39
N THR A 216 -14.76 0.44 3.73
CA THR A 216 -13.98 1.57 3.25
C THR A 216 -13.65 2.45 4.45
N LYS A 217 -14.53 2.47 5.44
CA LYS A 217 -14.29 3.23 6.65
C LYS A 217 -13.14 2.65 7.49
N SER A 218 -12.84 1.36 7.34
CA SER A 218 -11.74 0.79 8.11
C SER A 218 -10.43 1.01 7.37
N ASP A 219 -10.55 1.29 6.07
CA ASP A 219 -9.41 1.63 5.24
C ASP A 219 -8.99 3.06 5.64
N VAL A 220 -9.96 3.88 6.03
CA VAL A 220 -9.67 5.25 6.46
C VAL A 220 -8.85 5.23 7.74
N TRP A 221 -9.19 4.30 8.64
CA TRP A 221 -8.45 4.13 9.89
C TRP A 221 -7.00 3.79 9.50
N SER A 222 -6.84 2.82 8.61
CA SER A 222 -5.51 2.43 8.15
C SER A 222 -4.76 3.60 7.50
N PHE A 223 -5.49 4.44 6.77
CA PHE A 223 -4.87 5.59 6.12
C PHE A 223 -4.28 6.57 7.15
N GLY A 224 -4.98 6.80 8.26
CA GLY A 224 -4.48 7.67 9.31
C GLY A 224 -3.15 7.15 9.86
N VAL A 225 -3.06 5.84 10.02
CA VAL A 225 -1.82 5.20 10.50
C VAL A 225 -0.73 5.38 9.44
N LEU A 226 -1.13 5.28 8.18
CA LEU A 226 -0.19 5.47 7.07
C LEU A 226 0.40 6.88 7.12
N LEU A 227 -0.44 7.86 7.46
CA LEU A 227 -0.03 9.26 7.61
C LEU A 227 1.02 9.38 8.72
N TRP A 228 0.76 8.73 9.84
CA TRP A 228 1.69 8.66 10.98
C TRP A 228 3.04 8.09 10.55
N GLU A 229 3.01 7.00 9.78
CA GLU A 229 4.23 6.35 9.27
C GLU A 229 5.04 7.35 8.44
N LEU A 230 4.35 8.08 7.56
CA LEU A 230 5.02 9.08 6.73
C LEU A 230 5.69 10.17 7.58
N MET A 231 4.92 10.79 8.47
CA MET A 231 5.46 11.85 9.32
C MET A 231 6.55 11.42 10.29
N THR A 232 6.65 10.12 10.58
CA THR A 232 7.70 9.64 11.47
C THR A 232 8.84 9.06 10.62
N ARG A 233 8.69 9.18 9.30
CA ARG A 233 9.65 8.63 8.37
C ARG A 233 9.83 7.12 8.48
N GLY A 234 8.71 6.39 8.58
CA GLY A 234 8.72 4.95 8.60
C GLY A 234 8.94 4.27 9.94
N ALA A 235 8.54 4.90 11.03
CA ALA A 235 8.71 4.26 12.33
C ALA A 235 7.62 3.18 12.49
N PRO A 236 7.87 2.17 13.35
CA PRO A 236 6.82 1.15 13.52
C PRO A 236 5.74 1.65 14.48
N PRO A 237 4.47 1.52 14.09
CA PRO A 237 3.42 2.01 15.02
C PRO A 237 3.36 1.16 16.28
N TYR A 238 2.99 1.80 17.40
CA TYR A 238 2.89 1.14 18.70
C TYR A 238 4.05 0.19 19.01
N PRO A 239 5.28 0.73 19.10
CA PRO A 239 6.55 0.03 19.35
C PRO A 239 6.47 -0.93 20.54
N ASP A 240 6.00 -0.38 21.65
CA ASP A 240 5.86 -1.03 22.93
C ASP A 240 4.72 -2.04 23.00
N VAL A 241 3.72 -1.87 22.16
CA VAL A 241 2.53 -2.72 22.21
C VAL A 241 2.59 -4.06 21.49
N ASN A 242 2.06 -5.07 22.15
CA ASN A 242 2.01 -6.42 21.63
C ASN A 242 0.88 -6.55 20.60
N THR A 243 1.13 -7.30 19.54
CA THR A 243 0.14 -7.53 18.50
C THR A 243 -1.12 -8.21 19.08
N PHE A 244 -0.89 -9.11 20.03
CA PHE A 244 -1.97 -9.88 20.66
C PHE A 244 -3.04 -9.07 21.38
N ASP A 245 -2.77 -7.80 21.68
CA ASP A 245 -3.80 -6.99 22.30
C ASP A 245 -3.78 -5.49 22.10
N ILE A 246 -3.75 -5.08 20.83
CA ILE A 246 -3.83 -3.67 20.48
C ILE A 246 -5.23 -3.17 20.85
N THR A 247 -6.21 -4.07 20.78
CA THR A 247 -7.61 -3.79 21.13
C THR A 247 -7.74 -3.29 22.57
N VAL A 248 -7.12 -4.01 23.49
CA VAL A 248 -7.17 -3.66 24.92
C VAL A 248 -6.48 -2.31 25.12
N TYR A 249 -5.42 -2.11 24.36
CA TYR A 249 -4.61 -0.89 24.40
C TYR A 249 -5.43 0.30 23.91
N LEU A 250 -6.03 0.12 22.74
CA LEU A 250 -6.84 1.18 22.15
C LEU A 250 -8.06 1.53 23.01
N LEU A 251 -8.68 0.52 23.62
CA LEU A 251 -9.87 0.75 24.44
C LEU A 251 -9.57 1.42 25.76
N GLN A 252 -8.30 1.50 26.13
CA GLN A 252 -7.94 2.22 27.35
C GLN A 252 -8.09 3.70 27.10
N GLY A 253 -8.28 4.08 25.84
CA GLY A 253 -8.46 5.46 25.42
C GLY A 253 -7.22 6.07 24.80
N ARG A 254 -6.53 5.29 23.98
CA ARG A 254 -5.27 5.70 23.37
C ARG A 254 -5.28 5.79 21.84
N ARG A 255 -4.35 6.59 21.32
CA ARG A 255 -4.11 6.74 19.89
C ARG A 255 -2.60 6.98 19.75
N LEU A 256 -2.10 6.88 18.52
CA LEU A 256 -0.69 7.16 18.30
C LEU A 256 -0.42 8.62 18.63
N LEU A 257 0.78 8.88 19.15
CA LEU A 257 1.20 10.23 19.49
C LEU A 257 1.46 11.05 18.23
N GLN A 258 1.37 12.37 18.35
CA GLN A 258 1.60 13.24 17.23
C GLN A 258 3.09 13.22 16.91
N PRO A 259 3.47 12.82 15.69
CA PRO A 259 4.91 12.81 15.40
C PRO A 259 5.47 14.21 15.55
N GLU A 260 6.77 14.29 15.84
CA GLU A 260 7.43 15.58 16.02
C GLU A 260 7.30 16.58 14.85
N TYR A 261 7.35 16.09 13.62
CA TYR A 261 7.26 16.99 12.45
C TYR A 261 5.89 17.07 11.80
N CYS A 262 4.88 16.50 12.46
CA CYS A 262 3.52 16.52 11.95
C CYS A 262 2.82 17.81 12.35
N PRO A 263 2.32 18.56 11.36
CA PRO A 263 1.56 19.79 11.65
C PRO A 263 0.30 19.44 12.45
N ASP A 264 -0.12 20.34 13.34
CA ASP A 264 -1.33 20.13 14.13
C ASP A 264 -2.52 19.75 13.27
N PRO A 265 -2.75 20.51 12.19
CA PRO A 265 -3.93 20.19 11.38
C PRO A 265 -3.89 18.81 10.75
N LEU A 266 -2.70 18.28 10.47
CA LEU A 266 -2.61 16.91 9.94
C LEU A 266 -2.85 15.91 11.06
N TYR A 267 -2.40 16.23 12.27
CA TYR A 267 -2.69 15.35 13.40
C TYR A 267 -4.19 15.30 13.66
N GLU A 268 -4.84 16.46 13.58
CA GLU A 268 -6.29 16.55 13.74
C GLU A 268 -7.01 15.67 12.73
N VAL A 269 -6.42 15.54 11.54
CA VAL A 269 -6.97 14.70 10.48
C VAL A 269 -6.76 13.23 10.86
N MET A 270 -5.56 12.89 11.34
CA MET A 270 -5.29 11.51 11.78
C MET A 270 -6.32 11.07 12.82
N LEU A 271 -6.57 11.91 13.82
CA LEU A 271 -7.55 11.59 14.85
C LEU A 271 -8.96 11.35 14.29
N LYS A 272 -9.32 12.08 13.22
CA LYS A 272 -10.61 11.93 12.54
C LYS A 272 -10.70 10.56 11.86
N CYS A 273 -9.61 10.13 11.23
CA CYS A 273 -9.51 8.82 10.59
C CYS A 273 -9.67 7.72 11.63
N TRP A 274 -9.33 8.02 12.88
CA TRP A 274 -9.44 7.04 13.96
C TRP A 274 -10.68 7.24 14.83
N HIS A 275 -11.70 7.90 14.29
CA HIS A 275 -12.95 8.07 15.03
C HIS A 275 -13.49 6.70 15.46
N PRO A 276 -14.00 6.59 16.69
CA PRO A 276 -14.57 5.37 17.27
C PRO A 276 -15.79 4.90 16.46
N LYS A 277 -16.52 5.86 15.92
CA LYS A 277 -17.70 5.56 15.09
C LYS A 277 -17.28 5.60 13.62
N ALA A 278 -17.26 4.43 12.97
CA ALA A 278 -16.84 4.34 11.56
C ALA A 278 -17.51 5.31 10.60
N GLU A 279 -18.77 5.64 10.86
CA GLU A 279 -19.51 6.54 9.98
C GLU A 279 -19.13 7.97 10.18
N MET A 280 -18.45 8.24 11.30
CA MET A 280 -17.97 9.59 11.62
C MET A 280 -16.62 9.91 10.98
N ARG A 281 -15.93 8.92 10.44
CA ARG A 281 -14.65 9.15 9.79
C ARG A 281 -14.87 9.84 8.45
N PRO A 282 -13.93 10.72 8.06
CA PRO A 282 -14.08 11.41 6.77
C PRO A 282 -13.94 10.44 5.63
N SER A 283 -14.52 10.76 4.49
CA SER A 283 -14.36 9.92 3.32
C SER A 283 -12.98 10.29 2.74
N PHE A 284 -12.54 9.49 1.78
CA PHE A 284 -11.30 9.76 1.08
C PHE A 284 -11.39 11.02 0.20
N SER A 285 -12.59 11.38 -0.23
CA SER A 285 -12.76 12.63 -0.98
C SER A 285 -12.53 13.80 -0.03
N GLU A 286 -13.03 13.65 1.19
CA GLU A 286 -12.84 14.70 2.22
C GLU A 286 -11.36 14.79 2.57
N LEU A 287 -10.74 13.64 2.80
CA LEU A 287 -9.31 13.56 3.11
C LEU A 287 -8.48 14.25 2.01
N VAL A 288 -8.75 13.92 0.75
CA VAL A 288 -8.06 14.55 -0.38
C VAL A 288 -8.22 16.07 -0.28
N SER A 289 -9.44 16.50 0.04
CA SER A 289 -9.72 17.92 0.15
C SER A 289 -8.89 18.56 1.25
N ARG A 290 -9.01 18.00 2.45
CA ARG A 290 -8.36 18.55 3.63
C ARG A 290 -6.83 18.50 3.55
N ILE A 291 -6.29 17.36 3.15
CA ILE A 291 -4.85 17.20 3.02
C ILE A 291 -4.28 18.13 1.94
N SER A 292 -5.02 18.33 0.86
CA SER A 292 -4.53 19.19 -0.22
C SER A 292 -4.43 20.66 0.22
N ALA A 293 -5.25 21.04 1.21
CA ALA A 293 -5.18 22.40 1.76
C ALA A 293 -3.95 22.53 2.62
N ILE A 294 -3.75 21.56 3.52
CA ILE A 294 -2.61 21.55 4.41
C ILE A 294 -1.31 21.59 3.60
N PHE A 295 -1.25 20.73 2.58
CA PHE A 295 -0.10 20.63 1.70
C PHE A 295 0.24 21.97 1.02
N SER A 296 -0.76 22.67 0.52
CA SER A 296 -0.56 23.96 -0.16
C SER A 296 0.09 25.04 0.69
N THR A 297 0.00 24.88 2.01
CA THR A 297 0.56 25.87 2.92
C THR A 297 2.08 25.83 3.06
N PHE A 298 2.67 24.69 2.72
CA PHE A 298 4.12 24.50 2.84
C PHE A 298 4.88 24.86 1.57
N ILE A 299 6.15 25.23 1.76
CA ILE A 299 6.99 25.63 0.64
C ILE A 299 8.24 24.79 0.44
N GLY A 300 8.47 23.79 1.29
CA GLY A 300 9.64 22.93 1.19
C GLY A 300 10.82 23.42 2.01
N GLU A 301 10.52 24.07 3.12
CA GLU A 301 11.55 24.62 4.00
C GLU A 301 11.85 23.76 5.23
N HIS A 302 10.87 22.97 5.66
CA HIS A 302 10.96 22.17 6.87
C HIS A 302 11.39 20.74 6.61
N TYR A 303 12.62 20.43 6.99
CA TYR A 303 13.17 19.10 6.79
C TYR A 303 12.71 18.23 7.92
N VAL A 304 12.53 16.94 7.64
CA VAL A 304 12.08 16.00 8.65
C VAL A 304 13.20 15.03 9.00
N HIS A 305 13.53 14.99 10.27
CA HIS A 305 14.59 14.13 10.77
C HIS A 305 14.01 13.01 11.60
N VAL A 306 14.66 11.85 11.55
CA VAL A 306 14.16 10.70 12.29
C VAL A 306 14.27 10.89 13.79
N ASN A 307 13.33 10.28 14.50
CA ASN A 307 13.30 10.34 15.96
C ASN A 307 14.32 9.34 16.53
N ALA A 308 15.11 9.80 17.49
CA ALA A 308 16.14 8.97 18.12
C ALA A 308 15.55 7.74 18.82
N THR A 309 14.38 7.90 19.44
CA THR A 309 13.74 6.79 20.13
C THR A 309 13.08 5.77 19.20
N TYR A 310 12.90 6.15 17.92
CA TYR A 310 12.31 5.25 16.91
C TYR A 310 13.39 4.53 16.11
N VAL A 311 14.61 5.06 16.13
CA VAL A 311 15.71 4.49 15.35
C VAL A 311 16.05 3.04 15.70
N ASN A 312 16.22 2.22 14.66
CA ASN A 312 16.54 0.79 14.81
C ASN A 312 15.41 -0.02 15.41
N VAL A 313 14.29 0.65 15.70
CA VAL A 313 13.14 -0.03 16.29
C VAL A 313 12.43 -0.88 15.24
N LYS A 314 12.10 -2.12 15.61
CA LYS A 314 11.48 -3.06 14.68
C LYS A 314 9.95 -3.09 14.79
C1 353 B . -4.11 -4.21 -4.63
C2 353 B . -3.17 -3.25 -6.66
C3 353 B . 3.35 -4.93 -5.62
C4 353 B . 4.72 -4.71 -5.63
C5 353 B . -4.64 -2.97 -4.30
C6 353 B . -3.70 -2.02 -6.32
C7 353 B . 6.62 -4.05 -8.33
C8 353 B . 3.65 -6.95 -6.92
C9 353 B . 7.17 -3.09 -9.16
C10 353 B . -3.38 -4.34 -5.81
C11 353 B . 2.81 -6.05 -6.26
C12 353 B . 5.56 -5.60 -6.29
C13 353 B . 7.35 -4.45 -7.21
C14 353 B . -4.43 -1.89 -5.15
C15 353 B . 5.02 -6.72 -6.93
C16 353 B . 8.60 -3.86 -6.98
C17 353 B . 9.09 -2.90 -7.86
C18 353 B . -3.11 -7.85 -6.82
C19 353 B . -3.62 -6.67 -6.49
C20 353 B . -0.82 -7.03 -6.55
C21 353 B . -1.67 -8.03 -6.85
C22 353 B . -1.42 -5.69 -6.17
C23 353 B . 0.67 -7.28 -6.60
C24 353 B . -1.70 -11.56 -7.68
C25 353 B . -2.31 -10.25 -7.24
N26 353 B . 8.38 -2.51 -8.95
N27 353 B . -2.82 -5.60 -6.17
N28 353 B . 10.35 -2.31 -7.64
N29 353 B . 1.42 -6.20 -6.19
O30 353 B . -0.69 -4.74 -5.89
O31 353 B . 1.12 -8.36 -6.97
O32 353 B . 6.90 -5.39 -6.31
O33 353 B . -1.25 -9.29 -7.21
F34 353 B . -4.94 -0.70 -4.83
F35 353 B . 5.82 -7.59 -7.56
CL36 353 B . 9.53 -4.34 -5.60
#